data_4QRT
#
_entry.id   4QRT
#
_cell.length_a   50.540
_cell.length_b   81.580
_cell.length_c   111.710
_cell.angle_alpha   90.000
_cell.angle_beta   90.000
_cell.angle_gamma   90.000
#
_symmetry.space_group_name_H-M   'P 21 21 21'
#
loop_
_entity.id
_entity.type
_entity.pdbx_description
1 polymer 'HLA class I histocompatibility antigen, B-8 alpha chain'
2 polymer Beta-2-microglobulin
3 polymer 'Major immediate-early protein'
4 non-polymer 1,2-ETHANEDIOL
5 water water
#
loop_
_entity_poly.entity_id
_entity_poly.type
_entity_poly.pdbx_seq_one_letter_code
_entity_poly.pdbx_strand_id
1 'polypeptide(L)'
;GSHSMRYFDTAMSRPGRGEPRFISVGYVDDTQFVRFDSDAASPREEPRAPWIEQEGPEYWDRNTQIFKTNTQTDRESLRN
LRGYYNQSEAGSHTLQSMYGCDVGPDGRLLRGHNQYAYDGKDYIALNEDLRSWTAADTAAQITQRKWEAARVAEQDRAYL
EGTCVEWLRRYLENGKDTLERADPPKTHVTHHPISDHEATLRCWALGFYPAEITLTWQRDGEDQTQDTELVETRPAGDRT
FQKWAAVVVPSGEEQRYTCHVQHEGLPKPLTLRWEP
;
A
2 'polypeptide(L)'
;MIQRTPKIQVYSRHPAENGKSNFLNCYVSGFHPSDIEVDLLKNGERIEKVEHSDLSFSKDWSFYLLYYTEFTPTEKDEYA
CRVNHVTLSQPKIVKWDRDM
;
B
3 'polypeptide(L)' ELNRKMIYM C
#
loop_
_chem_comp.id
_chem_comp.type
_chem_comp.name
_chem_comp.formula
EDO non-polymer 1,2-ETHANEDIOL 'C2 H6 O2'
#
# COMPACT_ATOMS: atom_id res chain seq x y z
N GLY A 1 21.56 1.24 -2.26
CA GLY A 1 20.75 0.06 -2.52
C GLY A 1 19.98 0.20 -3.82
N SER A 2 19.08 -0.74 -4.07
CA SER A 2 18.19 -0.68 -5.23
C SER A 2 16.95 0.12 -4.88
N HIS A 3 16.27 0.63 -5.90
CA HIS A 3 15.12 1.49 -5.68
C HIS A 3 14.09 1.34 -6.76
N SER A 4 12.88 1.81 -6.48
N SER A 4 12.87 1.79 -6.47
CA SER A 4 11.82 1.79 -7.46
CA SER A 4 11.76 1.71 -7.42
C SER A 4 11.05 3.10 -7.40
C SER A 4 10.91 2.97 -7.36
N MET A 5 10.44 3.43 -8.51
CA MET A 5 9.43 4.46 -8.56
C MET A 5 8.18 3.80 -9.10
N ARG A 6 7.04 4.08 -8.47
CA ARG A 6 5.78 3.47 -8.85
CA ARG A 6 5.80 3.50 -8.91
C ARG A 6 4.65 4.44 -8.65
N TYR A 7 3.78 4.58 -9.66
CA TYR A 7 2.53 5.29 -9.50
C TYR A 7 1.41 4.26 -9.41
N PHE A 8 0.48 4.51 -8.49
CA PHE A 8 -0.69 3.69 -8.25
C PHE A 8 -1.91 4.54 -8.54
N ASP A 9 -2.61 4.20 -9.62
CA ASP A 9 -3.74 4.98 -10.11
C ASP A 9 -5.05 4.22 -9.91
N THR A 10 -6.08 4.92 -9.44
CA THR A 10 -7.39 4.32 -9.26
C THR A 10 -8.45 5.25 -9.84
N ALA A 11 -9.22 4.72 -10.80
CA ALA A 11 -10.40 5.41 -11.31
C ALA A 11 -11.62 4.63 -10.86
N MET A 12 -12.58 5.32 -10.29
CA MET A 12 -13.75 4.62 -9.77
CA MET A 12 -13.73 4.66 -9.68
C MET A 12 -15.01 5.35 -10.14
N SER A 13 -15.87 4.68 -10.89
CA SER A 13 -17.14 5.28 -11.26
C SER A 13 -18.08 5.27 -10.06
N ARG A 14 -19.05 6.17 -10.10
CA ARG A 14 -19.99 6.35 -8.99
C ARG A 14 -21.28 6.94 -9.58
N PRO A 15 -22.03 6.13 -10.33
CA PRO A 15 -23.21 6.66 -11.03
C PRO A 15 -24.16 7.36 -10.08
N GLY A 16 -24.55 8.57 -10.45
CA GLY A 16 -25.45 9.40 -9.65
C GLY A 16 -24.73 10.34 -8.71
N ARG A 17 -23.41 10.22 -8.61
CA ARG A 17 -22.63 11.00 -7.67
C ARG A 17 -21.45 11.66 -8.37
N GLY A 18 -21.65 12.06 -9.62
CA GLY A 18 -20.65 12.79 -10.37
C GLY A 18 -19.83 11.92 -11.30
N GLU A 19 -18.75 12.50 -11.82
CA GLU A 19 -17.86 11.78 -12.71
C GLU A 19 -16.96 10.88 -11.88
N PRO A 20 -16.34 9.86 -12.52
CA PRO A 20 -15.50 8.93 -11.75
C PRO A 20 -14.36 9.63 -11.01
N ARG A 21 -14.16 9.28 -9.74
CA ARG A 21 -13.02 9.82 -9.02
C ARG A 21 -11.73 9.24 -9.60
N PHE A 22 -10.72 10.07 -9.79
CA PHE A 22 -9.42 9.59 -10.22
C PHE A 22 -8.36 10.07 -9.24
N ILE A 23 -7.56 9.13 -8.73
CA ILE A 23 -6.46 9.45 -7.83
CA ILE A 23 -6.45 9.45 -7.85
C ILE A 23 -5.20 8.74 -8.34
N SER A 24 -4.10 9.48 -8.35
CA SER A 24 -2.80 8.97 -8.75
C SER A 24 -1.82 9.29 -7.64
N VAL A 25 -1.19 8.26 -7.09
CA VAL A 25 -0.22 8.46 -6.03
CA VAL A 25 -0.25 8.42 -6.00
C VAL A 25 1.13 7.91 -6.42
N GLY A 26 2.17 8.73 -6.27
CA GLY A 26 3.53 8.35 -6.61
C GLY A 26 4.36 7.98 -5.40
N TYR A 27 5.15 6.92 -5.54
CA TYR A 27 6.04 6.42 -4.51
C TYR A 27 7.46 6.26 -5.02
N VAL A 28 8.42 6.56 -4.16
CA VAL A 28 9.78 6.02 -4.32
C VAL A 28 9.91 5.01 -3.20
N ASP A 29 10.12 3.74 -3.57
CA ASP A 29 10.11 2.66 -2.59
C ASP A 29 8.84 2.73 -1.76
N ASP A 30 8.96 2.83 -0.43
CA ASP A 30 7.77 2.90 0.45
C ASP A 30 7.45 4.31 0.92
N THR A 31 7.95 5.32 0.20
CA THR A 31 7.68 6.72 0.51
C THR A 31 6.76 7.35 -0.54
N GLN A 32 5.55 7.76 -0.13
CA GLN A 32 4.67 8.52 -1.01
C GLN A 32 5.25 9.91 -1.20
N PHE A 33 5.37 10.36 -2.44
CA PHE A 33 5.96 11.69 -2.70
C PHE A 33 5.02 12.67 -3.40
N VAL A 34 3.95 12.18 -4.02
CA VAL A 34 2.97 13.05 -4.64
CA VAL A 34 2.98 13.05 -4.66
C VAL A 34 1.62 12.37 -4.65
N ARG A 35 0.57 13.19 -4.62
CA ARG A 35 -0.77 12.69 -4.80
C ARG A 35 -1.57 13.69 -5.58
N PHE A 36 -2.27 13.20 -6.59
CA PHE A 36 -3.24 13.99 -7.36
C PHE A 36 -4.59 13.33 -7.23
N ASP A 37 -5.62 14.12 -6.98
CA ASP A 37 -6.96 13.60 -6.71
C ASP A 37 -7.96 14.50 -7.40
N SER A 38 -8.77 13.95 -8.30
CA SER A 38 -9.76 14.77 -8.99
C SER A 38 -10.78 15.41 -8.03
N ASP A 39 -10.92 14.85 -6.84
CA ASP A 39 -11.85 15.39 -5.82
C ASP A 39 -11.19 16.45 -4.92
N ALA A 40 -9.92 16.75 -5.16
CA ALA A 40 -9.19 17.79 -4.42
C ALA A 40 -9.93 19.13 -4.44
N ALA A 41 -10.29 19.62 -3.26
CA ALA A 41 -10.96 20.91 -3.12
C ALA A 41 -10.05 22.04 -3.62
N SER A 42 -8.78 22.01 -3.21
CA SER A 42 -7.81 23.00 -3.67
C SER A 42 -6.49 22.34 -4.00
N PRO A 43 -5.99 22.58 -5.23
CA PRO A 43 -4.70 22.04 -5.70
C PRO A 43 -3.57 22.45 -4.77
N ARG A 44 -3.81 23.47 -3.96
CA ARG A 44 -2.82 23.92 -2.99
C ARG A 44 -2.62 22.85 -1.93
N GLU A 45 -3.52 21.87 -1.92
CA GLU A 45 -3.52 20.84 -0.87
C GLU A 45 -2.83 19.54 -1.26
N GLU A 46 -3.16 19.00 -2.44
N GLU A 46 -3.16 19.00 -2.44
CA GLU A 46 -2.58 17.76 -2.93
CA GLU A 46 -2.58 17.75 -2.92
C GLU A 46 -1.13 17.62 -2.45
C GLU A 46 -1.13 17.62 -2.45
N PRO A 47 -0.92 16.81 -1.39
CA PRO A 47 0.38 16.72 -0.70
C PRO A 47 1.54 16.27 -1.58
N ARG A 48 2.71 16.80 -1.29
CA ARG A 48 3.93 16.44 -2.02
C ARG A 48 5.14 16.54 -1.09
N ALA A 49 6.14 15.71 -1.34
CA ALA A 49 7.36 15.71 -0.53
C ALA A 49 8.10 17.04 -0.60
N PRO A 50 8.84 17.38 0.46
CA PRO A 50 9.63 18.61 0.45
C PRO A 50 10.54 18.66 -0.77
N TRP A 51 11.11 17.52 -1.12
CA TRP A 51 12.04 17.45 -2.25
C TRP A 51 11.36 17.52 -3.62
N ILE A 52 10.03 17.47 -3.63
CA ILE A 52 9.25 17.75 -4.82
C ILE A 52 8.92 19.24 -4.90
N GLU A 53 8.63 19.85 -3.75
CA GLU A 53 8.36 21.28 -3.69
CA GLU A 53 8.36 21.27 -3.72
C GLU A 53 9.54 22.06 -4.30
N GLN A 54 10.75 21.57 -4.07
CA GLN A 54 11.94 22.24 -4.60
C GLN A 54 12.05 22.19 -6.12
N GLU A 55 11.19 21.40 -6.77
CA GLU A 55 11.18 21.36 -8.24
C GLU A 55 10.46 22.56 -8.85
N GLY A 56 9.70 23.28 -8.03
CA GLY A 56 9.11 24.53 -8.45
C GLY A 56 7.81 24.38 -9.21
N PRO A 57 7.20 25.52 -9.59
CA PRO A 57 5.88 25.54 -10.23
C PRO A 57 5.88 24.95 -11.65
N GLU A 58 7.01 24.99 -12.33
CA GLU A 58 7.10 24.40 -13.67
CA GLU A 58 7.09 24.40 -13.68
C GLU A 58 6.86 22.89 -13.62
N TYR A 59 7.50 22.23 -12.67
CA TYR A 59 7.32 20.80 -12.47
C TYR A 59 5.86 20.54 -12.10
N TRP A 60 5.32 21.33 -11.19
CA TRP A 60 3.98 21.10 -10.70
C TRP A 60 2.94 21.37 -11.79
N ASP A 61 3.13 22.43 -12.56
CA ASP A 61 2.19 22.74 -13.64
C ASP A 61 2.19 21.64 -14.71
N ARG A 62 3.37 21.15 -15.07
CA ARG A 62 3.45 20.09 -16.08
C ARG A 62 2.76 18.83 -15.57
N ASN A 63 3.07 18.44 -14.32
CA ASN A 63 2.48 17.23 -13.77
C ASN A 63 0.97 17.36 -13.55
N THR A 64 0.52 18.53 -13.11
CA THR A 64 -0.92 18.75 -12.97
C THR A 64 -1.64 18.60 -14.32
N GLN A 65 -1.06 19.12 -15.39
CA GLN A 65 -1.67 18.98 -16.70
CA GLN A 65 -1.64 18.98 -16.71
C GLN A 65 -1.69 17.52 -17.16
N ILE A 66 -0.62 16.79 -16.90
CA ILE A 66 -0.61 15.37 -17.26
C ILE A 66 -1.70 14.64 -16.48
N PHE A 67 -1.82 14.93 -15.18
CA PHE A 67 -2.86 14.31 -14.37
C PHE A 67 -4.25 14.61 -14.90
N LYS A 68 -4.50 15.85 -15.31
CA LYS A 68 -5.82 16.20 -15.82
CA LYS A 68 -5.82 16.21 -15.83
C LYS A 68 -6.15 15.42 -17.09
N THR A 69 -5.16 15.29 -17.97
CA THR A 69 -5.36 14.48 -19.18
C THR A 69 -5.56 13.00 -18.81
N ASN A 70 -4.76 12.49 -17.89
CA ASN A 70 -4.90 11.10 -17.45
C ASN A 70 -6.30 10.83 -16.87
N THR A 71 -6.84 11.82 -16.17
CA THR A 71 -8.20 11.70 -15.62
C THR A 71 -9.20 11.48 -16.75
N GLN A 72 -9.07 12.27 -17.81
CA GLN A 72 -9.99 12.16 -18.93
C GLN A 72 -9.83 10.83 -19.62
N THR A 73 -8.59 10.40 -19.80
CA THR A 73 -8.34 9.16 -20.53
C THR A 73 -8.89 7.98 -19.77
N ASP A 74 -8.61 7.89 -18.48
CA ASP A 74 -9.11 6.77 -17.68
C ASP A 74 -10.64 6.77 -17.54
N ARG A 75 -11.24 7.95 -17.48
N ARG A 75 -11.25 7.95 -17.52
CA ARG A 75 -12.70 8.03 -17.45
CA ARG A 75 -12.71 8.06 -17.46
C ARG A 75 -13.29 7.43 -18.71
C ARG A 75 -13.36 7.52 -18.73
N GLU A 76 -12.72 7.75 -19.87
CA GLU A 76 -13.21 7.18 -21.13
CA GLU A 76 -13.18 7.17 -21.14
C GLU A 76 -12.95 5.67 -21.17
N SER A 77 -11.78 5.25 -20.69
CA SER A 77 -11.46 3.83 -20.61
C SER A 77 -12.46 3.08 -19.73
N LEU A 78 -12.86 3.68 -18.61
CA LEU A 78 -13.91 3.08 -17.77
C LEU A 78 -15.19 2.86 -18.55
N ARG A 79 -15.56 3.85 -19.35
CA ARG A 79 -16.77 3.75 -20.17
CA ARG A 79 -16.77 3.73 -20.16
C ARG A 79 -16.64 2.60 -21.15
N ASN A 80 -15.47 2.51 -21.79
CA ASN A 80 -15.26 1.47 -22.78
C ASN A 80 -15.28 0.08 -22.14
N LEU A 81 -14.62 -0.07 -21.00
CA LEU A 81 -14.58 -1.38 -20.35
C LEU A 81 -15.97 -1.85 -19.88
N ARG A 82 -16.80 -0.91 -19.41
CA ARG A 82 -18.17 -1.25 -19.04
CA ARG A 82 -18.16 -1.28 -19.04
C ARG A 82 -18.86 -1.92 -20.23
N GLY A 83 -18.66 -1.33 -21.40
CA GLY A 83 -19.21 -1.89 -22.64
C GLY A 83 -18.65 -3.28 -22.98
N TYR A 84 -17.34 -3.45 -22.85
CA TYR A 84 -16.70 -4.72 -23.20
C TYR A 84 -17.23 -5.87 -22.38
N TYR A 85 -17.72 -5.57 -21.18
CA TYR A 85 -18.24 -6.60 -20.29
C TYR A 85 -19.79 -6.62 -20.22
N ASN A 86 -20.41 -5.84 -21.10
CA ASN A 86 -21.87 -5.78 -21.22
C ASN A 86 -22.51 -5.39 -19.92
N GLN A 87 -21.85 -4.49 -19.18
CA GLN A 87 -22.33 -4.12 -17.85
C GLN A 87 -23.30 -2.96 -17.90
N SER A 88 -24.22 -2.97 -16.95
CA SER A 88 -25.20 -1.89 -16.78
CA SER A 88 -25.20 -1.89 -16.84
C SER A 88 -24.52 -0.58 -16.41
N GLU A 89 -25.21 0.53 -16.69
CA GLU A 89 -24.71 1.85 -16.32
C GLU A 89 -24.91 2.11 -14.82
N ALA A 90 -25.57 1.21 -14.12
CA ALA A 90 -25.98 1.51 -12.75
C ALA A 90 -24.93 1.18 -11.70
N GLY A 91 -23.99 0.30 -12.03
CA GLY A 91 -23.01 -0.13 -11.05
C GLY A 91 -21.72 0.67 -11.04
N SER A 92 -21.04 0.62 -9.90
CA SER A 92 -19.71 1.22 -9.73
CA SER A 92 -19.72 1.24 -9.81
C SER A 92 -18.64 0.23 -10.17
N HIS A 93 -17.63 0.73 -10.88
CA HIS A 93 -16.51 -0.13 -11.32
C HIS A 93 -15.20 0.58 -11.09
N THR A 94 -14.12 -0.20 -11.07
CA THR A 94 -12.81 0.31 -10.69
C THR A 94 -11.78 -0.05 -11.75
N LEU A 95 -11.01 0.92 -12.22
CA LEU A 95 -9.90 0.69 -13.13
C LEU A 95 -8.64 1.13 -12.41
N GLN A 96 -7.71 0.21 -12.19
CA GLN A 96 -6.46 0.52 -11.52
C GLN A 96 -5.28 0.30 -12.44
N SER A 97 -4.23 1.07 -12.22
CA SER A 97 -2.98 0.80 -12.91
C SER A 97 -1.80 1.07 -12.02
N MET A 98 -0.72 0.35 -12.30
CA MET A 98 0.56 0.57 -11.65
C MET A 98 1.60 0.67 -12.71
N TYR A 99 2.47 1.66 -12.61
CA TYR A 99 3.55 1.79 -13.58
C TYR A 99 4.77 2.41 -12.96
N GLY A 100 5.93 2.11 -13.54
CA GLY A 100 7.18 2.68 -13.07
C GLY A 100 8.35 1.77 -13.32
N CYS A 101 9.44 2.05 -12.62
CA CYS A 101 10.72 1.43 -12.96
C CYS A 101 11.46 0.99 -11.71
N ASP A 102 12.23 -0.08 -11.85
CA ASP A 102 13.11 -0.57 -10.79
C ASP A 102 14.54 -0.35 -11.26
N VAL A 103 15.39 0.19 -10.40
CA VAL A 103 16.79 0.41 -10.73
C VAL A 103 17.69 -0.22 -9.67
N GLY A 104 18.92 -0.54 -10.06
CA GLY A 104 19.89 -1.07 -9.11
C GLY A 104 20.65 0.05 -8.41
N PRO A 105 21.64 -0.32 -7.59
CA PRO A 105 22.48 0.63 -6.85
C PRO A 105 23.19 1.63 -7.76
N ASP A 106 23.50 1.19 -8.98
CA ASP A 106 24.15 2.05 -9.97
C ASP A 106 23.18 2.97 -10.71
N GLY A 107 21.89 2.85 -10.40
CA GLY A 107 20.90 3.69 -11.03
C GLY A 107 20.47 3.22 -12.40
N ARG A 108 20.94 2.04 -12.81
CA ARG A 108 20.58 1.50 -14.12
C ARG A 108 19.27 0.70 -14.08
N LEU A 109 18.54 0.73 -15.18
CA LEU A 109 17.25 0.06 -15.25
C LEU A 109 17.36 -1.43 -15.02
N LEU A 110 16.58 -1.94 -14.08
CA LEU A 110 16.43 -3.38 -13.91
C LEU A 110 15.24 -3.87 -14.75
N ARG A 111 14.08 -3.27 -14.55
CA ARG A 111 12.93 -3.49 -15.44
C ARG A 111 11.89 -2.42 -15.24
N GLY A 112 10.99 -2.32 -16.21
CA GLY A 112 9.84 -1.43 -16.16
C GLY A 112 8.53 -2.18 -16.02
N HIS A 113 7.49 -1.43 -15.67
CA HIS A 113 6.18 -1.98 -15.39
C HIS A 113 5.13 -1.03 -15.91
N ASN A 114 4.07 -1.58 -16.49
CA ASN A 114 2.88 -0.81 -16.81
CA ASN A 114 2.86 -0.81 -16.77
C ASN A 114 1.70 -1.75 -16.95
N GLN A 115 0.87 -1.85 -15.91
CA GLN A 115 -0.20 -2.83 -15.98
C GLN A 115 -1.47 -2.32 -15.35
N TYR A 116 -2.57 -2.97 -15.72
N TYR A 116 -2.55 -3.04 -15.62
N TYR A 116 -2.56 -2.98 -15.72
CA TYR A 116 -3.92 -2.54 -15.35
CA TYR A 116 -3.89 -2.55 -15.34
CA TYR A 116 -3.90 -2.56 -15.32
C TYR A 116 -4.72 -3.69 -14.76
C TYR A 116 -4.79 -3.67 -14.87
C TYR A 116 -4.71 -3.70 -14.73
N ALA A 117 -5.74 -3.33 -13.99
CA ALA A 117 -6.72 -4.27 -13.46
C ALA A 117 -8.09 -3.61 -13.54
N TYR A 118 -9.11 -4.42 -13.77
CA TYR A 118 -10.50 -3.92 -13.81
C TYR A 118 -11.31 -4.70 -12.80
N ASP A 119 -11.98 -3.97 -11.92
CA ASP A 119 -12.73 -4.60 -10.81
C ASP A 119 -11.87 -5.63 -10.07
N GLY A 120 -10.61 -5.28 -9.86
CA GLY A 120 -9.72 -6.07 -9.04
C GLY A 120 -9.03 -7.24 -9.72
N LYS A 121 -9.33 -7.46 -11.00
CA LYS A 121 -8.79 -8.57 -11.78
CA LYS A 121 -8.76 -8.57 -11.76
C LYS A 121 -7.79 -8.05 -12.82
N ASP A 122 -6.64 -8.72 -12.93
CA ASP A 122 -5.68 -8.34 -13.97
C ASP A 122 -6.34 -8.25 -15.32
N TYR A 123 -6.03 -7.18 -16.05
CA TYR A 123 -6.68 -6.88 -17.32
C TYR A 123 -5.69 -6.89 -18.49
N ILE A 124 -4.66 -6.05 -18.42
CA ILE A 124 -3.62 -6.03 -19.46
CA ILE A 124 -3.63 -6.00 -19.46
C ILE A 124 -2.33 -5.55 -18.82
N ALA A 125 -1.20 -6.03 -19.33
CA ALA A 125 0.11 -5.65 -18.81
C ALA A 125 1.09 -5.53 -19.94
N LEU A 126 1.97 -4.55 -19.86
CA LEU A 126 3.13 -4.47 -20.75
C LEU A 126 4.11 -5.54 -20.31
N ASN A 127 4.58 -6.34 -21.25
CA ASN A 127 5.56 -7.38 -20.94
C ASN A 127 6.93 -6.78 -20.59
N GLU A 128 7.79 -7.59 -19.99
CA GLU A 128 9.10 -7.13 -19.58
C GLU A 128 9.92 -6.59 -20.75
N ASP A 129 9.66 -7.08 -21.96
CA ASP A 129 10.34 -6.56 -23.15
C ASP A 129 10.03 -5.11 -23.48
N LEU A 130 8.99 -4.56 -22.84
CA LEU A 130 8.51 -3.21 -23.09
C LEU A 130 8.06 -2.99 -24.53
N ARG A 131 7.69 -4.09 -25.20
CA ARG A 131 7.25 -4.04 -26.60
C ARG A 131 5.91 -4.72 -26.88
N SER A 132 5.56 -5.70 -26.07
CA SER A 132 4.35 -6.49 -26.29
C SER A 132 3.46 -6.52 -25.06
N TRP A 133 2.20 -6.89 -25.27
CA TRP A 133 1.16 -6.89 -24.23
C TRP A 133 0.70 -8.31 -23.91
N THR A 134 0.31 -8.53 -22.65
CA THR A 134 -0.41 -9.72 -22.27
C THR A 134 -1.82 -9.31 -21.84
N ALA A 135 -2.82 -9.76 -22.60
CA ALA A 135 -4.24 -9.48 -22.35
C ALA A 135 -4.89 -10.64 -21.61
N ALA A 136 -5.67 -10.36 -20.57
CA ALA A 136 -6.22 -11.43 -19.72
C ALA A 136 -7.44 -12.13 -20.33
N ASP A 137 -8.14 -11.46 -21.23
CA ASP A 137 -9.41 -11.97 -21.74
C ASP A 137 -9.78 -11.31 -23.06
N THR A 138 -10.93 -11.66 -23.64
CA THR A 138 -11.30 -11.12 -24.94
C THR A 138 -11.59 -9.62 -24.91
N ALA A 139 -11.97 -9.09 -23.75
CA ALA A 139 -12.12 -7.64 -23.60
C ALA A 139 -10.74 -6.95 -23.71
N ALA A 140 -9.78 -7.44 -22.93
CA ALA A 140 -8.45 -6.85 -22.95
C ALA A 140 -7.78 -6.99 -24.33
N GLN A 141 -8.18 -7.99 -25.11
CA GLN A 141 -7.67 -8.12 -26.47
C GLN A 141 -8.08 -6.95 -27.34
N ILE A 142 -9.24 -6.35 -27.05
CA ILE A 142 -9.64 -5.15 -27.76
CA ILE A 142 -9.66 -5.15 -27.75
C ILE A 142 -8.72 -3.99 -27.40
N THR A 143 -8.49 -3.79 -26.11
CA THR A 143 -7.52 -2.78 -25.69
C THR A 143 -6.15 -3.02 -26.34
N GLN A 144 -5.70 -4.27 -26.34
CA GLN A 144 -4.44 -4.61 -26.98
C GLN A 144 -4.40 -4.18 -28.45
N ARG A 145 -5.48 -4.48 -29.18
N ARG A 145 -5.48 -4.47 -29.18
CA ARG A 145 -5.58 -4.07 -30.58
CA ARG A 145 -5.56 -4.06 -30.59
C ARG A 145 -5.46 -2.55 -30.73
C ARG A 145 -5.43 -2.54 -30.72
N LYS A 146 -6.19 -1.81 -29.90
CA LYS A 146 -6.16 -0.35 -29.98
C LYS A 146 -4.78 0.18 -29.65
N TRP A 147 -4.15 -0.42 -28.64
CA TRP A 147 -2.84 0.06 -28.20
C TRP A 147 -1.72 -0.32 -29.16
N GLU A 148 -1.82 -1.47 -29.80
CA GLU A 148 -0.88 -1.82 -30.87
C GLU A 148 -1.03 -0.87 -32.06
N ALA A 149 -2.27 -0.57 -32.42
CA ALA A 149 -2.50 0.30 -33.57
C ALA A 149 -1.91 1.69 -33.34
N ALA A 150 -1.99 2.17 -32.10
CA ALA A 150 -1.51 3.51 -31.76
C ALA A 150 -0.08 3.52 -31.23
N ARG A 151 0.56 2.35 -31.23
N ARG A 151 0.59 2.37 -31.29
CA ARG A 151 1.97 2.23 -30.85
CA ARG A 151 1.97 2.24 -30.82
C ARG A 151 2.25 2.69 -29.41
C ARG A 151 2.15 2.86 -29.44
N VAL A 152 1.31 2.43 -28.51
CA VAL A 152 1.40 2.87 -27.12
C VAL A 152 2.62 2.29 -26.42
N ALA A 153 2.92 1.02 -26.70
CA ALA A 153 4.08 0.40 -26.06
C ALA A 153 5.35 1.19 -26.31
N GLU A 154 5.49 1.76 -27.50
CA GLU A 154 6.69 2.53 -27.81
CA GLU A 154 6.68 2.54 -27.81
C GLU A 154 6.79 3.77 -26.94
N GLN A 155 5.66 4.42 -26.68
CA GLN A 155 5.63 5.59 -25.80
C GLN A 155 5.93 5.19 -24.36
N ASP A 156 5.30 4.10 -23.91
CA ASP A 156 5.53 3.62 -22.56
C ASP A 156 6.98 3.18 -22.38
N ARG A 157 7.55 2.51 -23.38
CA ARG A 157 8.97 2.14 -23.31
C ARG A 157 9.86 3.37 -23.14
N ALA A 158 9.61 4.40 -23.93
CA ALA A 158 10.40 5.62 -23.81
C ALA A 158 10.29 6.22 -22.41
N TYR A 159 9.09 6.23 -21.85
CA TYR A 159 8.91 6.71 -20.48
C TYR A 159 9.66 5.84 -19.48
N LEU A 160 9.51 4.53 -19.59
CA LEU A 160 10.05 3.65 -18.57
C LEU A 160 11.58 3.62 -18.58
N GLU A 161 12.18 3.66 -19.77
CA GLU A 161 13.63 3.62 -19.90
C GLU A 161 14.29 4.98 -19.75
N GLY A 162 13.55 6.03 -20.04
CA GLY A 162 14.11 7.37 -20.08
C GLY A 162 13.62 8.16 -18.89
N THR A 163 12.46 8.78 -19.06
CA THR A 163 11.83 9.65 -18.06
C THR A 163 11.84 9.05 -16.65
N CYS A 164 11.37 7.83 -16.51
CA CYS A 164 11.20 7.20 -15.21
C CYS A 164 12.54 7.07 -14.50
N VAL A 165 13.54 6.57 -15.23
CA VAL A 165 14.87 6.35 -14.67
C VAL A 165 15.53 7.68 -14.31
N GLU A 166 15.42 8.66 -15.20
CA GLU A 166 16.05 9.94 -14.97
CA GLU A 166 16.02 9.96 -14.99
C GLU A 166 15.43 10.65 -13.78
N TRP A 167 14.11 10.64 -13.68
CA TRP A 167 13.47 11.32 -12.56
C TRP A 167 13.67 10.56 -11.24
N LEU A 168 13.65 9.24 -11.26
CA LEU A 168 13.96 8.49 -10.05
C LEU A 168 15.36 8.87 -9.53
N ARG A 169 16.34 8.92 -10.43
CA ARG A 169 17.69 9.33 -10.05
CA ARG A 169 17.68 9.33 -10.04
C ARG A 169 17.68 10.72 -9.40
N ARG A 170 16.94 11.65 -9.99
CA ARG A 170 16.85 13.01 -9.45
CA ARG A 170 16.86 13.01 -9.45
C ARG A 170 16.19 13.04 -8.07
N TYR A 171 15.08 12.32 -7.91
CA TYR A 171 14.40 12.27 -6.61
C TYR A 171 15.32 11.65 -5.57
N LEU A 172 16.06 10.60 -5.93
CA LEU A 172 16.96 9.96 -4.97
C LEU A 172 18.04 10.93 -4.50
N GLU A 173 18.50 11.79 -5.41
CA GLU A 173 19.52 12.78 -5.03
C GLU A 173 18.92 13.84 -4.15
N ASN A 174 17.76 14.36 -4.52
CA ASN A 174 17.14 15.42 -3.74
C ASN A 174 16.62 14.95 -2.38
N GLY A 175 16.21 13.69 -2.30
CA GLY A 175 15.64 13.14 -1.08
C GLY A 175 16.56 12.16 -0.38
N LYS A 176 17.85 12.22 -0.70
CA LYS A 176 18.79 11.18 -0.27
CA LYS A 176 18.83 11.23 -0.26
C LYS A 176 18.77 10.92 1.25
N ASP A 177 18.66 11.98 2.06
CA ASP A 177 18.76 11.78 3.52
C ASP A 177 17.69 10.83 4.06
N THR A 178 16.55 10.73 3.37
CA THR A 178 15.51 9.77 3.74
C THR A 178 15.47 8.58 2.79
N LEU A 179 15.42 8.85 1.49
CA LEU A 179 15.21 7.77 0.53
C LEU A 179 16.36 6.75 0.49
N GLU A 180 17.57 7.18 0.77
CA GLU A 180 18.70 6.25 0.74
CA GLU A 180 18.74 6.30 0.75
C GLU A 180 19.12 5.80 2.15
N ARG A 181 18.29 6.08 3.14
CA ARG A 181 18.56 5.65 4.49
C ARG A 181 17.68 4.48 4.87
N ALA A 182 18.29 3.36 5.22
CA ALA A 182 17.54 2.22 5.74
C ALA A 182 17.59 2.26 7.25
N ASP A 183 16.42 2.24 7.89
CA ASP A 183 16.36 2.23 9.35
C ASP A 183 16.12 0.79 9.80
N PRO A 184 17.04 0.23 10.60
CA PRO A 184 16.91 -1.17 11.02
C PRO A 184 15.77 -1.40 12.02
N PRO A 185 15.23 -2.62 12.06
CA PRO A 185 14.22 -2.89 13.08
C PRO A 185 14.80 -2.92 14.47
N LYS A 186 14.01 -2.41 15.41
CA LYS A 186 14.24 -2.56 16.82
C LYS A 186 13.46 -3.80 17.20
N THR A 187 14.14 -4.78 17.79
CA THR A 187 13.56 -6.10 17.98
C THR A 187 13.56 -6.52 19.45
N HIS A 188 12.53 -7.29 19.81
CA HIS A 188 12.46 -7.92 21.12
C HIS A 188 11.45 -9.06 21.10
N VAL A 189 11.52 -9.91 22.12
CA VAL A 189 10.63 -11.07 22.24
C VAL A 189 9.81 -10.94 23.51
N THR A 190 8.50 -11.14 23.37
CA THR A 190 7.60 -11.15 24.53
C THR A 190 6.99 -12.54 24.72
N HIS A 191 6.48 -12.76 25.93
CA HIS A 191 6.00 -14.08 26.35
C HIS A 191 4.61 -13.88 26.93
N HIS A 192 3.65 -14.67 26.46
CA HIS A 192 2.25 -14.49 26.84
C HIS A 192 1.61 -15.83 27.21
N PRO A 193 1.52 -16.14 28.51
CA PRO A 193 0.90 -17.39 28.93
C PRO A 193 -0.51 -17.55 28.38
N ILE A 194 -0.83 -18.75 27.91
CA ILE A 194 -2.14 -19.09 27.36
C ILE A 194 -2.90 -19.92 28.39
N SER A 195 -2.17 -20.86 28.99
CA SER A 195 -2.71 -21.78 29.99
C SER A 195 -1.53 -22.26 30.83
N ASP A 196 -1.76 -23.19 31.74
CA ASP A 196 -0.66 -23.74 32.52
C ASP A 196 0.36 -24.40 31.60
N HIS A 197 -0.07 -24.91 30.45
N HIS A 197 -0.11 -24.84 30.45
CA HIS A 197 0.79 -25.79 29.66
CA HIS A 197 0.59 -25.80 29.61
C HIS A 197 1.31 -25.22 28.34
C HIS A 197 1.41 -25.16 28.49
N GLU A 198 1.01 -23.96 28.05
CA GLU A 198 1.48 -23.33 26.81
CA GLU A 198 1.65 -23.33 26.90
C GLU A 198 1.58 -21.82 26.96
N ALA A 199 2.43 -21.20 26.14
CA ALA A 199 2.50 -19.74 26.08
C ALA A 199 2.88 -19.33 24.67
N THR A 200 2.54 -18.09 24.31
CA THR A 200 2.92 -17.51 23.04
C THR A 200 4.24 -16.75 23.18
N LEU A 201 5.17 -17.01 22.27
CA LEU A 201 6.35 -16.18 22.10
C LEU A 201 6.10 -15.31 20.88
N ARG A 202 6.24 -14.00 21.06
CA ARG A 202 6.02 -13.05 19.97
C ARG A 202 7.29 -12.27 19.72
N CYS A 203 7.76 -12.33 18.49
CA CYS A 203 8.98 -11.65 18.07
C CYS A 203 8.60 -10.38 17.33
N TRP A 204 9.08 -9.24 17.82
CA TRP A 204 8.67 -7.93 17.31
C TRP A 204 9.77 -7.25 16.52
N ALA A 205 9.38 -6.57 15.44
CA ALA A 205 10.27 -5.70 14.68
C ALA A 205 9.56 -4.37 14.53
N LEU A 206 10.17 -3.29 15.04
CA LEU A 206 9.55 -1.98 15.05
C LEU A 206 10.49 -0.94 14.46
N GLY A 207 9.92 0.10 13.88
CA GLY A 207 10.69 1.27 13.48
C GLY A 207 11.56 1.12 12.24
N PHE A 208 11.25 0.14 11.38
CA PHE A 208 12.14 -0.11 10.25
C PHE A 208 11.65 0.52 8.94
N TYR A 209 12.60 0.77 8.05
CA TYR A 209 12.31 1.32 6.71
C TYR A 209 13.47 0.84 5.82
N PRO A 210 13.20 0.30 4.63
CA PRO A 210 11.89 0.13 3.97
C PRO A 210 11.08 -1.02 4.59
N ALA A 211 9.91 -1.27 4.02
CA ALA A 211 8.95 -2.24 4.58
C ALA A 211 9.41 -3.71 4.46
N GLU A 212 10.17 -4.03 3.41
CA GLU A 212 10.62 -5.40 3.22
C GLU A 212 11.39 -5.91 4.42
N ILE A 213 11.00 -7.08 4.93
CA ILE A 213 11.65 -7.65 6.10
C ILE A 213 11.33 -9.13 6.13
N THR A 214 12.22 -9.90 6.73
CA THR A 214 11.98 -11.33 6.93
C THR A 214 12.05 -11.59 8.41
N LEU A 215 10.99 -12.20 8.93
N LEU A 215 10.98 -12.16 8.95
CA LEU A 215 10.84 -12.46 10.34
CA LEU A 215 10.88 -12.46 10.37
C LEU A 215 10.34 -13.89 10.51
C LEU A 215 10.33 -13.87 10.55
N THR A 216 11.15 -14.76 11.13
CA THR A 216 10.82 -16.17 11.24
C THR A 216 11.16 -16.76 12.59
N TRP A 217 10.45 -17.83 12.95
CA TRP A 217 10.79 -18.61 14.14
C TRP A 217 11.33 -19.97 13.74
N GLN A 218 12.34 -20.41 14.48
CA GLN A 218 12.83 -21.79 14.39
C GLN A 218 12.70 -22.51 15.73
N ARG A 219 12.47 -23.83 15.66
CA ARG A 219 12.47 -24.71 16.82
C ARG A 219 13.54 -25.76 16.55
N ASP A 220 14.53 -25.85 17.45
CA ASP A 220 15.66 -26.74 17.23
C ASP A 220 16.23 -26.54 15.82
N GLY A 221 16.29 -25.28 15.39
CA GLY A 221 16.89 -24.94 14.11
C GLY A 221 16.07 -25.26 12.87
N GLU A 222 14.82 -25.65 13.07
N GLU A 222 14.83 -25.69 13.07
CA GLU A 222 13.92 -25.97 11.95
CA GLU A 222 13.93 -25.94 11.97
C GLU A 222 12.82 -24.93 11.81
C GLU A 222 12.94 -24.79 11.84
N ASP A 223 12.69 -24.36 10.61
CA ASP A 223 11.67 -23.33 10.35
C ASP A 223 10.29 -23.81 10.81
N GLN A 224 9.53 -22.90 11.39
CA GLN A 224 8.21 -23.19 11.94
C GLN A 224 7.11 -22.53 11.12
N THR A 225 7.23 -22.58 9.81
CA THR A 225 6.31 -21.85 8.94
C THR A 225 4.81 -22.07 9.23
N GLN A 226 4.40 -23.33 9.28
N GLN A 226 4.37 -23.33 9.27
CA GLN A 226 2.99 -23.68 9.49
CA GLN A 226 2.95 -23.60 9.47
C GLN A 226 2.50 -23.27 10.88
C GLN A 226 2.49 -23.23 10.89
N ASP A 227 3.40 -23.26 11.85
CA ASP A 227 3.03 -22.98 13.24
C ASP A 227 3.22 -21.52 13.65
N THR A 228 3.71 -20.70 12.72
CA THR A 228 3.93 -19.29 13.01
C THR A 228 2.78 -18.44 12.54
N GLU A 229 2.27 -17.59 13.43
CA GLU A 229 1.33 -16.55 13.03
C GLU A 229 2.13 -15.31 12.68
N LEU A 230 1.99 -14.83 11.44
N LEU A 230 2.03 -14.93 11.41
CA LEU A 230 2.78 -13.70 10.95
CA LEU A 230 2.58 -13.69 10.94
C LEU A 230 1.85 -12.60 10.42
C LEU A 230 1.46 -12.70 10.86
N VAL A 231 1.78 -11.45 11.11
CA VAL A 231 0.89 -10.36 10.72
C VAL A 231 1.50 -9.62 9.54
N GLU A 232 0.64 -8.99 8.75
CA GLU A 232 1.10 -8.17 7.63
C GLU A 232 1.91 -7.01 8.18
N THR A 233 2.98 -6.66 7.48
CA THR A 233 3.78 -5.50 7.82
C THR A 233 2.87 -4.28 7.75
N ARG A 234 2.97 -3.42 8.75
CA ARG A 234 2.00 -2.35 8.93
C ARG A 234 2.70 -1.02 9.18
N PRO A 235 2.15 0.08 8.64
CA PRO A 235 2.78 1.39 8.80
C PRO A 235 2.57 1.98 10.18
N ALA A 236 3.62 2.56 10.76
CA ALA A 236 3.50 3.19 12.07
C ALA A 236 2.96 4.61 12.01
N GLY A 237 3.14 5.29 10.87
CA GLY A 237 2.72 6.68 10.71
C GLY A 237 3.84 7.71 10.75
N ASP A 238 5.07 7.24 11.01
CA ASP A 238 6.25 8.10 11.07
C ASP A 238 7.25 7.71 9.96
N ARG A 239 6.71 7.08 8.91
CA ARG A 239 7.44 6.55 7.76
CA ARG A 239 7.45 6.53 7.75
C ARG A 239 7.87 5.09 7.94
N THR A 240 7.95 4.65 9.19
CA THR A 240 8.45 3.32 9.46
C THR A 240 7.36 2.27 9.51
N PHE A 241 7.79 1.02 9.61
CA PHE A 241 6.89 -0.12 9.60
C PHE A 241 7.10 -1.01 10.83
N GLN A 242 6.12 -1.88 11.06
CA GLN A 242 6.14 -2.84 12.17
C GLN A 242 5.71 -4.21 11.68
N LYS A 243 6.15 -5.25 12.36
CA LYS A 243 5.71 -6.60 12.08
C LYS A 243 5.97 -7.44 13.33
N TRP A 244 5.17 -8.48 13.50
CA TRP A 244 5.51 -9.52 14.48
C TRP A 244 5.20 -10.91 13.99
N ALA A 245 5.85 -11.89 14.62
CA ALA A 245 5.67 -13.31 14.32
C ALA A 245 5.53 -14.02 15.66
N ALA A 246 4.59 -14.94 15.77
CA ALA A 246 4.35 -15.60 17.05
C ALA A 246 4.22 -17.11 16.90
N VAL A 247 4.67 -17.83 17.93
CA VAL A 247 4.53 -19.27 17.98
CA VAL A 247 4.52 -19.27 17.97
C VAL A 247 4.01 -19.69 19.35
N VAL A 248 3.27 -20.79 19.40
CA VAL A 248 2.77 -21.32 20.66
C VAL A 248 3.72 -22.41 21.11
N VAL A 249 4.23 -22.27 22.32
CA VAL A 249 5.34 -23.09 22.84
CA VAL A 249 5.26 -23.19 22.78
C VAL A 249 4.91 -23.83 24.11
N PRO A 250 5.28 -25.12 24.25
CA PRO A 250 4.99 -25.84 25.49
C PRO A 250 5.77 -25.21 26.64
N SER A 251 5.16 -25.14 27.83
CA SER A 251 5.84 -24.57 28.98
C SER A 251 7.18 -25.25 29.19
N GLY A 252 8.22 -24.47 29.39
CA GLY A 252 9.54 -25.02 29.65
C GLY A 252 10.42 -25.23 28.43
N GLU A 253 9.84 -25.12 27.23
CA GLU A 253 10.60 -25.38 26.00
C GLU A 253 11.03 -24.10 25.28
N GLU A 254 10.88 -22.96 25.94
CA GLU A 254 11.13 -21.65 25.30
C GLU A 254 12.51 -21.51 24.67
N GLN A 255 13.55 -22.07 25.29
CA GLN A 255 14.90 -21.87 24.78
C GLN A 255 15.24 -22.69 23.53
N ARG A 256 14.33 -23.56 23.11
CA ARG A 256 14.52 -24.27 21.86
C ARG A 256 14.11 -23.41 20.66
N TYR A 257 13.52 -22.24 20.95
CA TYR A 257 12.98 -21.36 19.91
C TYR A 257 13.86 -20.14 19.70
N THR A 258 14.11 -19.86 18.41
CA THR A 258 14.87 -18.67 18.04
C THR A 258 14.12 -17.87 16.98
N CYS A 259 14.17 -16.54 17.13
CA CYS A 259 13.59 -15.65 16.13
C CYS A 259 14.71 -15.10 15.24
N HIS A 260 14.44 -15.04 13.95
CA HIS A 260 15.45 -14.61 12.99
C HIS A 260 14.93 -13.43 12.21
N VAL A 261 15.75 -12.40 12.11
CA VAL A 261 15.35 -11.14 11.49
C VAL A 261 16.36 -10.72 10.43
N GLN A 262 15.88 -10.49 9.22
CA GLN A 262 16.71 -9.95 8.14
CA GLN A 262 16.73 -9.90 8.20
C GLN A 262 16.09 -8.66 7.61
N HIS A 263 16.92 -7.64 7.43
CA HIS A 263 16.47 -6.35 6.94
C HIS A 263 17.65 -5.55 6.39
N GLU A 264 17.40 -4.82 5.32
CA GLU A 264 18.44 -4.03 4.64
C GLU A 264 19.26 -3.14 5.58
N GLY A 265 18.66 -2.64 6.65
CA GLY A 265 19.31 -1.71 7.55
C GLY A 265 20.18 -2.36 8.62
N LEU A 266 20.17 -3.68 8.66
CA LEU A 266 20.95 -4.43 9.63
C LEU A 266 22.32 -4.79 9.04
N PRO A 267 23.38 -4.42 9.75
CA PRO A 267 24.73 -4.82 9.32
C PRO A 267 24.85 -6.33 9.40
N LYS A 268 24.14 -6.93 10.34
CA LYS A 268 24.13 -8.38 10.51
C LYS A 268 22.73 -8.84 10.89
N PRO A 269 22.27 -9.96 10.30
CA PRO A 269 20.98 -10.52 10.70
C PRO A 269 20.95 -10.80 12.19
N LEU A 270 19.76 -10.72 12.78
CA LEU A 270 19.61 -10.93 14.19
C LEU A 270 19.10 -12.35 14.47
N THR A 271 19.52 -12.88 15.62
CA THR A 271 18.93 -14.07 16.21
C THR A 271 18.54 -13.67 17.62
N LEU A 272 17.29 -13.90 17.98
CA LEU A 272 16.77 -13.52 19.29
C LEU A 272 16.09 -14.68 19.97
N ARG A 273 16.10 -14.65 21.29
CA ARG A 273 15.39 -15.62 22.11
CA ARG A 273 15.35 -15.61 22.08
C ARG A 273 14.61 -14.89 23.19
N TRP A 274 13.64 -15.56 23.77
N TRP A 274 13.66 -15.59 23.80
CA TRP A 274 13.02 -15.03 24.97
CA TRP A 274 13.00 -15.09 25.00
C TRP A 274 14.09 -14.88 26.03
C TRP A 274 14.00 -14.94 26.14
N GLU A 275 14.09 -13.72 26.67
CA GLU A 275 15.00 -13.45 27.78
C GLU A 275 14.18 -13.08 29.00
N PRO A 276 13.83 -14.08 29.81
CA PRO A 276 13.01 -13.88 31.02
C PRO A 276 13.77 -13.05 32.06
N MET B 1 -19.69 -9.32 -8.69
CA MET B 1 -18.27 -9.45 -8.96
C MET B 1 -17.51 -9.94 -7.73
N ILE B 2 -16.24 -10.29 -7.93
CA ILE B 2 -15.41 -10.78 -6.84
C ILE B 2 -14.97 -9.65 -5.92
N GLN B 3 -15.23 -9.82 -4.63
CA GLN B 3 -14.90 -8.81 -3.64
C GLN B 3 -13.93 -9.42 -2.63
N ARG B 4 -13.20 -8.56 -1.91
N ARG B 4 -13.21 -8.55 -1.90
CA ARG B 4 -12.24 -9.01 -0.91
CA ARG B 4 -12.25 -8.99 -0.91
C ARG B 4 -12.50 -8.25 0.39
C ARG B 4 -12.48 -8.24 0.38
N THR B 5 -12.60 -8.99 1.49
CA THR B 5 -12.92 -8.38 2.77
C THR B 5 -11.66 -7.82 3.44
N PRO B 6 -11.80 -6.72 4.17
CA PRO B 6 -10.59 -6.12 4.74
C PRO B 6 -9.97 -6.89 5.90
N LYS B 7 -8.64 -6.96 5.91
N LYS B 7 -8.65 -6.93 5.93
CA LYS B 7 -7.90 -7.28 7.11
CA LYS B 7 -7.91 -7.29 7.13
C LYS B 7 -7.87 -6.03 7.98
C LYS B 7 -7.79 -6.04 7.98
N ILE B 8 -7.80 -6.22 9.30
CA ILE B 8 -7.78 -5.11 10.23
C ILE B 8 -6.73 -5.33 11.31
N GLN B 9 -5.88 -4.34 11.53
CA GLN B 9 -4.96 -4.31 12.67
C GLN B 9 -5.10 -2.99 13.41
N VAL B 10 -5.14 -3.07 14.74
N VAL B 10 -5.17 -3.07 14.74
CA VAL B 10 -5.23 -1.90 15.59
CA VAL B 10 -5.23 -1.88 15.59
C VAL B 10 -4.03 -1.89 16.54
C VAL B 10 -4.04 -1.89 16.53
N TYR B 11 -3.32 -0.78 16.59
CA TYR B 11 -2.02 -0.75 17.26
C TYR B 11 -1.54 0.68 17.43
N SER B 12 -0.49 0.87 18.22
CA SER B 12 0.04 2.21 18.46
C SER B 12 1.33 2.45 17.68
N ARG B 13 1.60 3.71 17.39
CA ARG B 13 2.80 4.11 16.65
C ARG B 13 4.05 3.76 17.43
N HIS B 14 4.05 4.14 18.71
CA HIS B 14 5.16 3.84 19.61
C HIS B 14 4.69 2.85 20.67
N PRO B 15 5.62 2.16 21.33
CA PRO B 15 5.26 1.25 22.42
C PRO B 15 4.39 1.97 23.44
N ALA B 16 3.31 1.33 23.86
CA ALA B 16 2.33 1.98 24.74
C ALA B 16 2.85 2.20 26.15
N GLU B 17 2.71 3.43 26.61
CA GLU B 17 3.05 3.79 27.99
CA GLU B 17 3.05 3.79 27.99
C GLU B 17 1.97 4.71 28.56
N ASN B 18 1.27 4.22 29.59
CA ASN B 18 0.20 5.00 30.20
C ASN B 18 0.67 6.40 30.57
N GLY B 19 -0.10 7.40 30.16
CA GLY B 19 0.21 8.80 30.44
C GLY B 19 1.04 9.49 29.38
N LYS B 20 1.59 8.72 28.45
N LYS B 20 1.59 8.72 28.45
CA LYS B 20 2.43 9.27 27.40
CA LYS B 20 2.44 9.29 27.40
C LYS B 20 1.69 9.39 26.07
C LYS B 20 1.72 9.38 26.07
N SER B 21 1.72 10.59 25.49
CA SER B 21 1.06 10.82 24.21
C SER B 21 1.62 9.90 23.13
N ASN B 22 0.75 9.46 22.22
CA ASN B 22 1.09 8.43 21.24
C ASN B 22 0.14 8.63 20.05
N PHE B 23 0.16 7.68 19.12
CA PHE B 23 -0.85 7.64 18.05
C PHE B 23 -1.47 6.26 17.99
N LEU B 24 -2.79 6.25 17.87
CA LEU B 24 -3.56 5.01 17.73
C LEU B 24 -3.86 4.82 16.25
N ASN B 25 -3.48 3.64 15.74
CA ASN B 25 -3.62 3.30 14.33
C ASN B 25 -4.62 2.19 14.10
N CYS B 26 -5.38 2.33 13.02
CA CYS B 26 -6.15 1.22 12.49
C CYS B 26 -5.82 1.10 11.01
N TYR B 27 -5.18 -0.03 10.67
CA TYR B 27 -4.73 -0.30 9.31
C TYR B 27 -5.70 -1.30 8.72
N VAL B 28 -6.36 -0.89 7.64
CA VAL B 28 -7.26 -1.75 6.90
C VAL B 28 -6.61 -2.05 5.55
N SER B 29 -6.59 -3.32 5.17
N SER B 29 -6.59 -3.31 5.18
CA SER B 29 -5.89 -3.69 3.96
CA SER B 29 -5.92 -3.69 3.94
C SER B 29 -6.53 -4.93 3.32
C SER B 29 -6.49 -4.95 3.33
N GLY B 30 -6.09 -5.23 2.11
CA GLY B 30 -6.53 -6.42 1.43
C GLY B 30 -7.96 -6.38 0.90
N PHE B 31 -8.57 -5.21 0.83
CA PHE B 31 -9.99 -5.13 0.47
C PHE B 31 -10.25 -4.64 -0.96
N HIS B 32 -11.44 -4.96 -1.47
CA HIS B 32 -11.86 -4.56 -2.80
C HIS B 32 -13.37 -4.78 -2.84
N PRO B 33 -14.15 -3.79 -3.29
CA PRO B 33 -13.75 -2.48 -3.81
C PRO B 33 -13.28 -1.52 -2.72
N SER B 34 -12.98 -0.28 -3.11
CA SER B 34 -12.26 0.64 -2.23
C SER B 34 -13.09 1.37 -1.18
N ASP B 35 -14.40 1.46 -1.38
N ASP B 35 -14.40 1.40 -1.37
CA ASP B 35 -15.24 2.17 -0.42
CA ASP B 35 -15.29 2.07 -0.43
C ASP B 35 -15.25 1.43 0.91
C ASP B 35 -15.20 1.38 0.92
N ILE B 36 -14.99 2.15 1.99
CA ILE B 36 -14.88 1.55 3.31
C ILE B 36 -15.14 2.62 4.37
N GLU B 37 -15.67 2.19 5.51
CA GLU B 37 -15.92 3.11 6.61
CA GLU B 37 -15.91 3.11 6.60
C GLU B 37 -15.14 2.64 7.82
N VAL B 38 -14.33 3.52 8.39
CA VAL B 38 -13.51 3.17 9.53
C VAL B 38 -13.67 4.22 10.61
N ASP B 39 -13.94 3.76 11.82
CA ASP B 39 -14.02 4.62 13.00
CA ASP B 39 -13.97 4.64 12.96
C ASP B 39 -13.08 4.12 14.07
N LEU B 40 -12.47 5.05 14.80
CA LEU B 40 -11.72 4.70 15.99
C LEU B 40 -12.66 5.01 17.15
N LEU B 41 -12.70 4.10 18.12
CA LEU B 41 -13.58 4.27 19.27
C LEU B 41 -12.80 4.38 20.57
N LYS B 42 -13.28 5.25 21.46
CA LYS B 42 -12.77 5.35 22.81
C LYS B 42 -13.91 5.01 23.76
N ASN B 43 -13.77 3.89 24.48
CA ASN B 43 -14.81 3.44 25.39
C ASN B 43 -16.16 3.31 24.69
N GLY B 44 -16.12 2.97 23.41
CA GLY B 44 -17.34 2.72 22.65
C GLY B 44 -17.82 3.88 21.81
N GLU B 45 -17.23 5.06 22.00
CA GLU B 45 -17.69 6.26 21.31
C GLU B 45 -16.74 6.71 20.19
N ARG B 46 -17.32 7.21 19.11
CA ARG B 46 -16.55 7.66 17.95
CA ARG B 46 -16.56 7.67 17.94
C ARG B 46 -15.62 8.83 18.26
N ILE B 47 -14.36 8.69 17.89
CA ILE B 47 -13.40 9.77 18.02
C ILE B 47 -13.49 10.70 16.81
N GLU B 48 -13.50 12.01 17.08
CA GLU B 48 -13.69 13.01 16.03
CA GLU B 48 -13.69 12.98 16.00
C GLU B 48 -12.38 13.41 15.34
N LYS B 49 -12.47 13.81 14.07
CA LYS B 49 -11.33 14.36 13.33
C LYS B 49 -10.13 13.42 13.14
N VAL B 50 -10.40 12.11 13.18
CA VAL B 50 -9.41 11.10 12.80
C VAL B 50 -8.92 11.37 11.38
N GLU B 51 -7.62 11.18 11.13
CA GLU B 51 -7.05 11.40 9.80
C GLU B 51 -6.83 10.06 9.11
N HIS B 52 -6.66 10.09 7.79
CA HIS B 52 -6.31 8.88 7.06
C HIS B 52 -5.35 9.14 5.90
N SER B 53 -4.68 8.09 5.45
CA SER B 53 -3.73 8.16 4.36
C SER B 53 -4.46 8.24 3.03
N ASP B 54 -3.71 8.45 1.95
CA ASP B 54 -4.28 8.52 0.61
C ASP B 54 -4.45 7.14 0.00
N LEU B 55 -5.60 6.93 -0.63
CA LEU B 55 -5.92 5.62 -1.18
C LEU B 55 -4.80 5.08 -2.08
N SER B 56 -4.29 3.90 -1.72
CA SER B 56 -3.35 3.20 -2.56
C SER B 56 -3.67 1.73 -2.44
N PHE B 57 -2.86 0.93 -3.09
CA PHE B 57 -3.09 -0.48 -3.11
C PHE B 57 -1.81 -1.26 -3.28
N SER B 58 -1.87 -2.54 -3.01
CA SER B 58 -0.72 -3.43 -3.08
CA SER B 58 -0.69 -3.39 -3.10
C SER B 58 -0.63 -4.03 -4.47
N LYS B 59 0.45 -4.75 -4.75
CA LYS B 59 0.61 -5.28 -6.10
C LYS B 59 -0.40 -6.35 -6.48
N ASP B 60 -1.15 -6.88 -5.51
CA ASP B 60 -2.27 -7.76 -5.82
C ASP B 60 -3.59 -7.00 -6.08
N TRP B 61 -3.49 -5.68 -6.15
CA TRP B 61 -4.60 -4.75 -6.45
C TRP B 61 -5.50 -4.42 -5.27
N SER B 62 -5.28 -5.07 -4.14
CA SER B 62 -6.13 -4.81 -2.97
C SER B 62 -5.77 -3.49 -2.30
N PHE B 63 -6.78 -2.79 -1.82
CA PHE B 63 -6.59 -1.47 -1.23
C PHE B 63 -6.12 -1.51 0.21
N TYR B 64 -5.45 -0.43 0.61
CA TYR B 64 -5.14 -0.24 2.03
C TYR B 64 -5.24 1.22 2.43
N LEU B 65 -5.62 1.44 3.68
CA LEU B 65 -5.67 2.77 4.29
C LEU B 65 -5.22 2.69 5.74
N LEU B 66 -4.57 3.75 6.20
CA LEU B 66 -4.24 3.91 7.60
C LEU B 66 -5.09 5.03 8.19
N TYR B 67 -5.83 4.71 9.23
CA TYR B 67 -6.57 5.71 10.01
C TYR B 67 -5.84 5.93 11.34
N TYR B 68 -5.74 7.17 11.77
CA TYR B 68 -4.91 7.45 12.93
C TYR B 68 -5.39 8.67 13.70
N THR B 69 -5.14 8.66 15.00
CA THR B 69 -5.47 9.79 15.86
C THR B 69 -4.48 9.85 17.01
N GLU B 70 -4.19 11.06 17.47
CA GLU B 70 -3.32 11.21 18.64
C GLU B 70 -4.09 10.81 19.89
N PHE B 71 -3.43 10.09 20.79
CA PHE B 71 -4.06 9.70 22.05
C PHE B 71 -3.07 9.47 23.16
N THR B 72 -3.54 9.57 24.40
CA THR B 72 -2.73 9.28 25.56
C THR B 72 -3.34 8.08 26.28
N PRO B 73 -2.74 6.90 26.11
CA PRO B 73 -3.25 5.66 26.68
C PRO B 73 -3.32 5.73 28.20
N THR B 74 -4.28 5.01 28.78
CA THR B 74 -4.38 4.87 30.22
C THR B 74 -4.69 3.41 30.54
N GLU B 75 -4.73 3.07 31.82
CA GLU B 75 -4.98 1.69 32.23
C GLU B 75 -6.45 1.30 31.98
N LYS B 76 -7.34 2.27 32.09
CA LYS B 76 -8.77 1.99 32.06
C LYS B 76 -9.42 2.17 30.68
N ASP B 77 -8.96 3.17 29.93
CA ASP B 77 -9.56 3.48 28.64
C ASP B 77 -9.41 2.34 27.63
N GLU B 78 -10.52 1.97 27.01
CA GLU B 78 -10.54 0.93 25.99
CA GLU B 78 -10.52 0.94 25.99
C GLU B 78 -10.66 1.57 24.61
N TYR B 79 -9.84 1.10 23.67
CA TYR B 79 -9.89 1.61 22.31
C TYR B 79 -10.19 0.48 21.35
N ALA B 80 -10.78 0.84 20.22
CA ALA B 80 -11.13 -0.14 19.21
C ALA B 80 -11.27 0.51 17.85
N CYS B 81 -11.35 -0.33 16.83
CA CYS B 81 -11.56 0.12 15.47
C CYS B 81 -12.79 -0.60 14.93
N ARG B 82 -13.70 0.17 14.34
CA ARG B 82 -14.93 -0.40 13.78
C ARG B 82 -14.93 -0.19 12.28
N VAL B 83 -15.08 -1.28 11.53
CA VAL B 83 -14.94 -1.23 10.09
C VAL B 83 -16.22 -1.72 9.39
N ASN B 84 -16.66 -0.97 8.38
N ASN B 84 -16.64 -0.96 8.38
CA ASN B 84 -17.74 -1.46 7.53
CA ASN B 84 -17.75 -1.38 7.52
C ASN B 84 -17.34 -1.48 6.06
C ASN B 84 -17.26 -1.51 6.08
N HIS B 85 -17.80 -2.49 5.36
CA HIS B 85 -17.42 -2.72 3.97
C HIS B 85 -18.53 -3.54 3.34
N VAL B 86 -18.67 -3.47 2.03
CA VAL B 86 -19.74 -4.18 1.34
C VAL B 86 -19.71 -5.69 1.62
N THR B 87 -18.53 -6.24 1.88
CA THR B 87 -18.37 -7.66 2.19
C THR B 87 -18.84 -8.06 3.59
N LEU B 88 -19.17 -7.08 4.42
CA LEU B 88 -19.53 -7.33 5.81
C LEU B 88 -21.03 -7.17 6.05
N SER B 89 -21.63 -8.20 6.64
CA SER B 89 -23.06 -8.16 6.97
C SER B 89 -23.31 -7.18 8.10
N GLN B 90 -22.33 -7.07 8.98
CA GLN B 90 -22.40 -6.11 10.07
CA GLN B 90 -22.39 -6.16 10.11
C GLN B 90 -20.99 -5.58 10.33
N PRO B 91 -20.90 -4.42 10.98
CA PRO B 91 -19.60 -3.80 11.27
C PRO B 91 -18.71 -4.76 12.07
N LYS B 92 -17.44 -4.81 11.71
CA LYS B 92 -16.48 -5.63 12.43
C LYS B 92 -15.71 -4.74 13.40
N ILE B 93 -15.64 -5.17 14.67
CA ILE B 93 -14.92 -4.42 15.68
C ILE B 93 -13.69 -5.19 16.14
N VAL B 94 -12.54 -4.53 16.11
CA VAL B 94 -11.30 -5.10 16.59
C VAL B 94 -10.79 -4.24 17.73
N LYS B 95 -10.56 -4.85 18.88
CA LYS B 95 -10.10 -4.13 20.06
C LYS B 95 -8.60 -3.88 20.01
N TRP B 96 -8.19 -2.71 20.51
CA TRP B 96 -6.77 -2.46 20.70
C TRP B 96 -6.23 -3.30 21.85
N ASP B 97 -5.25 -4.13 21.55
CA ASP B 97 -4.59 -4.97 22.53
C ASP B 97 -3.11 -4.61 22.44
N ARG B 98 -2.56 -4.03 23.50
CA ARG B 98 -1.19 -3.54 23.42
C ARG B 98 -0.16 -4.65 23.21
N ASP B 99 -0.57 -5.90 23.34
CA ASP B 99 0.34 -7.02 23.11
C ASP B 99 0.33 -7.49 21.66
N MET B 100 -0.37 -6.76 20.78
CA MET B 100 -0.49 -7.20 19.40
C MET B 100 -0.34 -6.09 18.36
N GLU C 1 7.66 11.63 -11.82
CA GLU C 1 7.12 12.29 -13.01
C GLU C 1 6.05 11.38 -13.61
N LEU C 2 4.84 11.91 -13.82
CA LEU C 2 3.73 11.12 -14.36
CA LEU C 2 3.74 11.09 -14.34
C LEU C 2 3.99 10.63 -15.77
N ASN C 3 3.42 9.48 -16.10
CA ASN C 3 3.39 9.00 -17.47
C ASN C 3 2.10 9.50 -18.12
N ARG C 4 2.16 9.79 -19.41
CA ARG C 4 1.01 10.32 -20.13
C ARG C 4 0.13 9.19 -20.65
N LYS C 5 -1.11 9.14 -20.19
CA LYS C 5 -2.13 8.22 -20.71
C LYS C 5 -2.94 8.98 -21.75
N MET C 6 -2.84 8.56 -23.01
CA MET C 6 -3.40 9.30 -24.15
CA MET C 6 -3.44 9.32 -24.11
C MET C 6 -4.46 8.53 -24.93
N ILE C 7 -4.25 7.23 -25.08
CA ILE C 7 -5.10 6.38 -25.92
C ILE C 7 -6.09 5.59 -25.09
N TYR C 8 -7.39 5.80 -25.30
CA TYR C 8 -8.41 5.08 -24.56
C TYR C 8 -8.27 3.58 -24.73
N MET C 9 -8.62 2.86 -23.66
CA MET C 9 -8.67 1.41 -23.63
CA MET C 9 -8.60 1.42 -23.71
C MET C 9 -9.78 0.87 -24.51
C1 EDO D . 18.59 -7.88 -17.73
O1 EDO D . 17.66 -7.32 -18.66
C2 EDO D . 18.95 -6.86 -16.65
O2 EDO D . 19.81 -5.80 -17.14
H11 EDO D . 18.16 -8.76 -17.27
H12 EDO D . 19.49 -8.18 -18.26
HO1 EDO D . 17.44 -7.98 -19.33
H21 EDO D . 18.04 -6.42 -16.24
H22 EDO D . 19.47 -7.37 -15.83
HO2 EDO D . 20.01 -5.19 -16.42
#